data_9IM7
#
_entry.id   9IM7
#
_cell.length_a   35.672
_cell.length_b   51.454
_cell.length_c   57.414
_cell.angle_alpha   90.00
_cell.angle_beta   100.90
_cell.angle_gamma   90.00
#
_symmetry.space_group_name_H-M   'P 1 21 1'
#
loop_
_entity.id
_entity.type
_entity.pdbx_description
1 polymer 'Serine/threonine-protein kinase PLK1'
2 polymer (ACE)(A1L2U)L(56A)S(YTH)(NH2)
3 water water
#
loop_
_entity_poly.entity_id
_entity_poly.type
_entity_poly.pdbx_seq_one_letter_code
_entity_poly.pdbx_strand_id
1 'polypeptide(L)'
;CHLSDLLQQLTSVNASKPSERGLVRQEEAEDPACIPIFWVSKWVDYSDKYGLGYQLCDNSVGVLFNDSTRLILYNDGDSL
QYIERDGTESYLTVSSHPNSLMKKITLLNYFRNYMSEHLLKAGANITPREGDELARLPYLRTWFRTRSAIILHLSNGTVQ
INFFQDHTKLILCPLMAAVTYINEKRDFQTYRLSLLEEYGCCKELASRLRYARTMVDKLLSSRS
;
A
2 'polypeptide(L)' (ACE)(A1L2U)L(56A)S(YTH)(NH2) B
#
loop_
_chem_comp.id
_chem_comp.type
_chem_comp.name
_chem_comp.formula
ACE non-polymer 'ACETYL GROUP' 'C2 H4 O'
NH2 non-polymer 'AMINO GROUP' 'H2 N'
#
# COMPACT_ATOMS: atom_id res chain seq x y z
N CYS A 1 2.71 3.79 14.32
CA CYS A 1 1.44 3.75 13.60
C CYS A 1 1.37 4.84 12.54
N HIS A 2 1.78 6.05 12.92
CA HIS A 2 1.77 7.19 12.01
C HIS A 2 0.39 7.43 11.43
N LEU A 3 -0.58 6.57 11.73
CA LEU A 3 -1.94 6.72 11.22
C LEU A 3 -2.55 8.04 11.68
N SER A 4 -2.23 8.44 12.92
CA SER A 4 -2.81 9.66 13.47
C SER A 4 -2.29 10.89 12.74
N ASP A 5 -1.00 10.90 12.38
CA ASP A 5 -0.48 12.00 11.57
C ASP A 5 -1.17 12.02 10.21
N LEU A 6 -1.32 10.85 9.58
CA LEU A 6 -2.01 10.75 8.30
C LEU A 6 -3.44 11.28 8.38
N LEU A 7 -4.19 10.86 9.40
CA LEU A 7 -5.56 11.36 9.55
C LEU A 7 -5.56 12.88 9.66
N GLN A 8 -4.65 13.44 10.47
CA GLN A 8 -4.55 14.89 10.57
C GLN A 8 -4.25 15.53 9.21
N GLN A 9 -3.25 14.99 8.50
CA GLN A 9 -2.88 15.57 7.21
C GLN A 9 -4.05 15.53 6.22
N LEU A 10 -4.83 14.46 6.26
CA LEU A 10 -5.94 14.34 5.31
C LEU A 10 -7.12 15.22 5.71
N THR A 11 -7.45 15.27 7.00
CA THR A 11 -8.54 16.15 7.39
C THR A 11 -8.21 17.60 7.06
N SER A 12 -6.94 18.00 7.22
CA SER A 12 -6.52 19.35 6.91
C SER A 12 -6.67 19.66 5.41
N VAL A 13 -6.16 18.80 4.53
CA VAL A 13 -6.31 19.08 3.10
C VAL A 13 -7.78 19.12 2.72
N ASN A 14 -8.56 18.16 3.22
CA ASN A 14 -9.98 18.12 2.87
C ASN A 14 -10.74 19.35 3.41
N ALA A 15 -10.31 19.91 4.53
CA ALA A 15 -10.97 21.11 5.05
C ALA A 15 -10.73 22.31 4.16
N SER A 16 -9.63 22.30 3.42
CA SER A 16 -9.31 23.39 2.51
C SER A 16 -10.16 23.38 1.24
N LYS A 17 -11.01 22.36 1.05
CA LYS A 17 -11.88 22.22 -0.12
C LYS A 17 -11.09 22.42 -1.41
N PRO A 18 -10.14 21.52 -1.73
CA PRO A 18 -9.17 21.83 -2.77
C PRO A 18 -9.74 21.87 -4.19
N SER A 19 -10.92 21.28 -4.44
CA SER A 19 -11.49 21.40 -5.79
C SER A 19 -12.38 22.64 -5.96
N GLU A 20 -12.49 23.49 -4.94
CA GLU A 20 -13.22 24.75 -5.11
C GLU A 20 -12.26 25.94 -5.14
N ARG A 21 -11.19 25.86 -5.93
CA ARG A 21 -10.31 27.02 -6.15
C ARG A 21 -10.81 27.84 -7.33
N GLY A 22 -10.80 29.17 -7.17
CA GLY A 22 -10.98 30.04 -8.33
C GLY A 22 -10.07 29.66 -9.48
N LEU A 23 -8.88 29.14 -9.17
CA LEU A 23 -7.97 28.57 -10.17
C LEU A 23 -7.27 27.39 -9.53
N VAL A 24 -7.52 26.19 -10.03
CA VAL A 24 -6.82 25.00 -9.53
C VAL A 24 -5.48 24.87 -10.25
N ARG A 25 -4.40 24.77 -9.48
CA ARG A 25 -3.07 24.63 -10.07
C ARG A 25 -2.41 23.33 -9.59
N GLN A 26 -3.09 22.20 -9.84
CA GLN A 26 -2.72 20.92 -9.25
C GLN A 26 -1.29 20.52 -9.60
N GLU A 27 -0.86 20.83 -10.82
CA GLU A 27 0.49 20.45 -11.25
C GLU A 27 1.57 21.07 -10.35
N GLU A 28 1.28 22.23 -9.76
CA GLU A 28 2.25 22.92 -8.91
C GLU A 28 2.43 22.23 -7.57
N ALA A 29 1.58 21.28 -7.25
CA ALA A 29 1.69 20.56 -5.99
C ALA A 29 2.57 19.34 -6.12
N GLU A 30 3.02 19.00 -7.34
CA GLU A 30 3.88 17.83 -7.51
C GLU A 30 5.23 18.08 -6.88
N ASP A 31 5.78 17.05 -6.25
CA ASP A 31 7.08 17.14 -5.57
C ASP A 31 7.81 15.83 -5.79
N PRO A 32 8.73 15.79 -6.76
CA PRO A 32 9.50 14.56 -7.01
C PRO A 32 10.33 14.07 -5.84
N ALA A 33 10.70 14.94 -4.90
CA ALA A 33 11.48 14.50 -3.74
C ALA A 33 10.68 13.61 -2.80
N CYS A 34 9.38 13.48 -3.02
CA CYS A 34 8.50 12.68 -2.17
C CYS A 34 8.06 11.39 -2.82
N ILE A 35 8.71 10.95 -3.90
CA ILE A 35 8.28 9.70 -4.51
C ILE A 35 8.47 8.57 -3.50
N PRO A 36 7.47 7.72 -3.28
CA PRO A 36 7.63 6.68 -2.24
C PRO A 36 8.64 5.61 -2.65
N ILE A 37 9.32 5.05 -1.65
CA ILE A 37 10.23 3.92 -1.90
C ILE A 37 9.47 2.62 -2.13
N PHE A 38 8.41 2.38 -1.37
CA PHE A 38 7.69 1.10 -1.39
C PHE A 38 6.20 1.33 -1.60
N TRP A 39 5.62 0.53 -2.51
CA TRP A 39 4.17 0.42 -2.63
C TRP A 39 3.84 -1.00 -3.11
N VAL A 40 2.56 -1.34 -3.07
CA VAL A 40 2.14 -2.67 -3.48
C VAL A 40 1.88 -2.66 -4.97
N SER A 41 2.61 -3.48 -5.73
CA SER A 41 2.43 -3.50 -7.18
C SER A 41 1.41 -4.54 -7.64
N LYS A 42 1.15 -5.56 -6.82
CA LYS A 42 0.21 -6.63 -7.15
C LYS A 42 -0.30 -7.22 -5.86
N TRP A 43 -1.52 -7.77 -5.90
CA TRP A 43 -2.06 -8.46 -4.73
C TRP A 43 -3.03 -9.55 -5.18
N VAL A 44 -3.26 -10.52 -4.29
CA VAL A 44 -4.11 -11.67 -4.54
C VAL A 44 -4.87 -11.94 -3.25
N ASP A 45 -6.19 -11.77 -3.27
CA ASP A 45 -7.02 -11.98 -2.09
C ASP A 45 -7.45 -13.44 -2.09
N TYR A 46 -6.76 -14.26 -1.32
CA TYR A 46 -7.13 -15.66 -1.11
C TYR A 46 -7.50 -15.87 0.35
N SER A 47 -8.20 -14.88 0.95
CA SER A 47 -8.36 -14.82 2.40
C SER A 47 -9.46 -15.72 2.95
N ASP A 48 -10.28 -16.32 2.10
CA ASP A 48 -11.22 -17.28 2.67
C ASP A 48 -10.56 -18.59 3.08
N LYS A 49 -9.29 -18.78 2.71
CA LYS A 49 -8.59 -20.02 3.04
C LYS A 49 -7.26 -19.72 3.71
N TYR A 50 -6.39 -18.95 3.04
CA TYR A 50 -5.01 -18.76 3.47
C TYR A 50 -4.68 -17.33 3.86
N GLY A 51 -4.99 -16.34 3.03
CA GLY A 51 -4.70 -14.96 3.38
C GLY A 51 -4.49 -14.11 2.14
N LEU A 52 -3.80 -12.99 2.34
CA LEU A 52 -3.61 -11.96 1.32
C LEU A 52 -2.15 -11.96 0.90
N GLY A 53 -1.88 -12.31 -0.36
CA GLY A 53 -0.53 -12.25 -0.89
C GLY A 53 -0.31 -10.99 -1.71
N TYR A 54 0.92 -10.49 -1.68
CA TYR A 54 1.19 -9.25 -2.40
C TYR A 54 2.64 -9.20 -2.85
N GLN A 55 2.89 -8.32 -3.79
CA GLN A 55 4.21 -7.99 -4.30
C GLN A 55 4.46 -6.50 -4.10
N LEU A 56 5.64 -6.15 -3.59
CA LEU A 56 6.07 -4.76 -3.52
C LEU A 56 6.78 -4.38 -4.81
N CYS A 57 6.84 -3.07 -5.07
CA CYS A 57 7.43 -2.57 -6.31
C CYS A 57 8.90 -2.97 -6.48
N ASP A 58 9.59 -3.43 -5.43
CA ASP A 58 10.95 -3.94 -5.58
C ASP A 58 10.99 -5.42 -5.91
N ASN A 59 9.84 -6.03 -6.18
CA ASN A 59 9.64 -7.44 -6.50
C ASN A 59 9.78 -8.37 -5.32
N SER A 60 9.96 -7.86 -4.11
CA SER A 60 9.79 -8.71 -2.94
C SER A 60 8.32 -9.10 -2.83
N VAL A 61 8.06 -10.15 -2.05
CA VAL A 61 6.72 -10.70 -1.95
C VAL A 61 6.41 -10.95 -0.48
N GLY A 62 5.14 -10.85 -0.12
CA GLY A 62 4.73 -11.14 1.24
C GLY A 62 3.35 -11.76 1.26
N VAL A 63 3.03 -12.39 2.40
CA VAL A 63 1.70 -12.88 2.69
C VAL A 63 1.34 -12.44 4.11
N LEU A 64 0.15 -11.91 4.28
CA LEU A 64 -0.43 -11.74 5.61
C LEU A 64 -1.44 -12.87 5.75
N PHE A 65 -1.12 -13.86 6.57
CA PHE A 65 -1.96 -15.04 6.69
C PHE A 65 -3.17 -14.73 7.57
N ASN A 66 -4.15 -15.65 7.53
CA ASN A 66 -5.38 -15.42 8.28
C ASN A 66 -5.18 -15.55 9.79
N ASP A 67 -4.10 -16.19 10.24
CA ASP A 67 -3.80 -16.20 11.67
C ASP A 67 -3.04 -14.94 12.09
N SER A 68 -2.97 -13.96 11.19
CA SER A 68 -2.34 -12.66 11.40
C SER A 68 -0.82 -12.76 11.58
N THR A 69 -0.21 -13.82 11.06
CA THR A 69 1.25 -13.87 10.94
C THR A 69 1.64 -13.44 9.53
N ARG A 70 2.93 -13.13 9.34
CA ARG A 70 3.40 -12.63 8.05
C ARG A 70 4.67 -13.36 7.64
N LEU A 71 4.80 -13.63 6.34
CA LEU A 71 6.05 -14.13 5.77
C LEU A 71 6.43 -13.26 4.59
N ILE A 72 7.66 -12.74 4.62
CA ILE A 72 8.17 -11.81 3.62
C ILE A 72 9.35 -12.47 2.92
N LEU A 73 9.33 -12.50 1.60
CA LEU A 73 10.43 -13.00 0.80
C LEU A 73 11.09 -11.82 0.08
N TYR A 74 12.37 -11.58 0.39
CA TYR A 74 13.15 -10.49 -0.18
C TYR A 74 13.37 -10.70 -1.68
N ASN A 75 13.75 -9.64 -2.39
CA ASN A 75 13.94 -9.82 -3.82
C ASN A 75 15.32 -10.41 -4.14
N ASP A 76 15.91 -11.23 -3.28
CA ASP A 76 16.94 -12.14 -3.73
C ASP A 76 16.39 -13.54 -3.94
N GLY A 77 15.10 -13.74 -3.65
CA GLY A 77 14.43 -14.99 -3.90
C GLY A 77 14.69 -16.06 -2.88
N ASP A 78 15.42 -15.76 -1.80
CA ASP A 78 15.75 -16.77 -0.81
C ASP A 78 15.63 -16.26 0.62
N SER A 79 16.00 -15.01 0.86
CA SER A 79 15.97 -14.48 2.23
C SER A 79 14.53 -14.27 2.70
N LEU A 80 14.20 -14.82 3.87
CA LEU A 80 12.86 -14.79 4.41
C LEU A 80 12.83 -14.02 5.73
N GLN A 81 11.69 -13.41 6.02
CA GLN A 81 11.42 -12.88 7.35
C GLN A 81 10.04 -13.38 7.77
N TYR A 82 9.95 -13.91 8.98
CA TYR A 82 8.69 -14.34 9.56
C TYR A 82 8.35 -13.39 10.69
N ILE A 83 7.10 -12.93 10.73
CA ILE A 83 6.65 -11.98 11.74
C ILE A 83 5.44 -12.60 12.40
N GLU A 84 5.56 -12.90 13.69
CA GLU A 84 4.45 -13.47 14.42
C GLU A 84 3.39 -12.40 14.68
N ARG A 85 2.25 -12.85 15.20
CA ARG A 85 1.11 -11.96 15.45
C ARG A 85 1.54 -10.70 16.19
N ASP A 86 2.30 -10.87 17.27
CA ASP A 86 2.72 -9.76 18.11
C ASP A 86 3.80 -8.89 17.48
N GLY A 87 4.34 -9.27 16.33
CA GLY A 87 5.39 -8.51 15.69
C GLY A 87 6.79 -9.07 15.86
N THR A 88 6.95 -10.15 16.62
CA THR A 88 8.25 -10.79 16.77
C THR A 88 8.75 -11.27 15.41
N GLU A 89 9.95 -10.81 15.01
CA GLU A 89 10.52 -11.14 13.72
C GLU A 89 11.59 -12.22 13.86
N SER A 90 11.57 -13.19 12.95
CA SER A 90 12.67 -14.12 12.74
C SER A 90 13.15 -14.01 11.30
N TYR A 91 14.44 -14.29 11.10
CA TYR A 91 15.11 -14.20 9.80
C TYR A 91 15.62 -15.57 9.40
N LEU A 92 15.32 -15.99 8.17
CA LEU A 92 15.62 -17.33 7.69
C LEU A 92 15.73 -17.28 6.17
N THR A 93 15.79 -18.45 5.54
CA THR A 93 15.79 -18.53 4.08
C THR A 93 14.92 -19.71 3.65
N VAL A 94 14.56 -19.71 2.36
CA VAL A 94 13.87 -20.84 1.78
C VAL A 94 14.72 -22.10 1.88
N SER A 95 16.04 -21.97 1.62
CA SER A 95 16.91 -23.14 1.69
C SER A 95 16.98 -23.71 3.10
N SER A 96 17.02 -22.86 4.11
CA SER A 96 17.23 -23.30 5.50
C SER A 96 16.15 -22.68 6.39
N HIS A 97 15.11 -23.47 6.68
CA HIS A 97 13.98 -22.97 7.43
C HIS A 97 13.54 -24.04 8.42
N PRO A 98 12.91 -23.65 9.52
CA PRO A 98 12.34 -24.66 10.41
C PRO A 98 11.20 -25.38 9.70
N ASN A 99 11.11 -26.69 9.96
CA ASN A 99 10.08 -27.48 9.29
C ASN A 99 8.68 -27.01 9.64
N SER A 100 8.52 -26.31 10.77
CA SER A 100 7.22 -25.77 11.15
C SER A 100 6.69 -24.77 10.13
N LEU A 101 7.55 -24.20 9.30
CA LEU A 101 7.15 -23.16 8.36
C LEU A 101 6.94 -23.70 6.95
N MET A 102 7.01 -25.02 6.78
CA MET A 102 6.96 -25.59 5.43
C MET A 102 5.66 -25.25 4.72
N LYS A 103 4.52 -25.40 5.42
CA LYS A 103 3.22 -25.07 4.83
C LYS A 103 3.15 -23.61 4.38
N LYS A 104 3.55 -22.69 5.26
CA LYS A 104 3.47 -21.27 4.94
C LYS A 104 4.47 -20.88 3.86
N ILE A 105 5.65 -21.50 3.85
CA ILE A 105 6.59 -21.23 2.76
C ILE A 105 6.04 -21.77 1.46
N THR A 106 5.42 -22.96 1.49
CA THR A 106 4.80 -23.50 0.29
C THR A 106 3.73 -22.54 -0.25
N LEU A 107 2.92 -21.97 0.65
CA LEU A 107 1.88 -21.07 0.20
C LEU A 107 2.48 -19.80 -0.40
N LEU A 108 3.53 -19.24 0.21
CA LEU A 108 4.15 -18.05 -0.34
C LEU A 108 4.72 -18.33 -1.73
N ASN A 109 5.29 -19.52 -1.92
CA ASN A 109 5.84 -19.91 -3.22
C ASN A 109 4.75 -19.93 -4.29
N TYR A 110 3.56 -20.45 -3.96
CA TYR A 110 2.43 -20.40 -4.89
C TYR A 110 2.06 -18.96 -5.25
N PHE A 111 1.96 -18.08 -4.24
CA PHE A 111 1.59 -16.69 -4.49
C PHE A 111 2.65 -16.03 -5.38
N ARG A 112 3.91 -16.22 -5.05
CA ARG A 112 4.99 -15.55 -5.75
C ARG A 112 5.04 -15.94 -7.22
N ASN A 113 5.00 -17.25 -7.51
CA ASN A 113 4.95 -17.70 -8.90
C ASN A 113 3.77 -17.09 -9.65
N TYR A 114 2.58 -17.13 -9.03
CA TYR A 114 1.41 -16.53 -9.67
C TYR A 114 1.64 -15.06 -10.02
N MET A 115 2.12 -14.27 -9.05
CA MET A 115 2.33 -12.85 -9.29
C MET A 115 3.56 -12.55 -10.16
N SER A 116 4.42 -13.53 -10.40
CA SER A 116 5.48 -13.32 -11.39
C SER A 116 5.02 -13.64 -12.82
N GLU A 117 3.98 -14.47 -12.99
CA GLU A 117 3.50 -14.81 -14.32
C GLU A 117 2.26 -14.05 -14.77
N HIS A 118 1.54 -13.37 -13.88
CA HIS A 118 0.18 -13.02 -14.27
C HIS A 118 -0.14 -11.52 -14.27
N LEU A 119 -0.01 -10.80 -13.19
CA LEU A 119 -0.76 -9.55 -13.18
C LEU A 119 0.06 -8.37 -13.75
N LEU A 120 -0.65 -7.27 -14.04
CA LEU A 120 0.03 -6.03 -14.38
C LEU A 120 0.63 -5.39 -13.13
N LYS A 121 1.83 -4.83 -13.27
CA LYS A 121 2.58 -4.34 -12.11
C LYS A 121 2.33 -2.84 -11.95
N ALA A 122 1.56 -2.47 -10.91
CA ALA A 122 1.27 -1.06 -10.66
C ALA A 122 2.55 -0.26 -10.42
N GLY A 123 2.66 0.88 -11.13
CA GLY A 123 3.84 1.71 -11.02
C GLY A 123 5.09 1.16 -11.68
N ALA A 124 4.95 0.23 -12.64
CA ALA A 124 6.10 -0.41 -13.26
C ALA A 124 6.93 0.57 -14.10
N ASN A 125 6.32 1.65 -14.58
CA ASN A 125 7.03 2.67 -15.34
C ASN A 125 7.93 3.53 -14.46
N ILE A 126 7.87 3.36 -13.13
CA ILE A 126 8.66 4.14 -12.19
C ILE A 126 9.67 3.23 -11.54
N THR A 127 10.93 3.65 -11.52
CA THR A 127 11.99 2.92 -10.82
C THR A 127 11.63 2.77 -9.33
N LEU A 134 18.80 -4.75 0.41
CA LEU A 134 18.17 -5.72 1.30
C LEU A 134 17.84 -5.07 2.65
N ALA A 135 17.62 -3.76 2.63
CA ALA A 135 17.39 -2.98 3.84
C ALA A 135 16.01 -3.32 4.42
N ARG A 136 15.59 -2.54 5.42
CA ARG A 136 14.33 -2.78 6.12
C ARG A 136 13.13 -2.73 5.18
N LEU A 137 12.63 -3.90 4.83
CA LEU A 137 11.43 -4.03 4.03
C LEU A 137 10.21 -3.83 4.92
N PRO A 138 9.21 -3.08 4.50
CA PRO A 138 7.96 -3.05 5.25
C PRO A 138 7.17 -4.33 4.99
N TYR A 139 6.27 -4.62 5.91
CA TYR A 139 5.38 -5.75 5.75
C TYR A 139 3.96 -5.24 5.88
N LEU A 140 3.01 -6.08 5.47
CA LEU A 140 1.60 -5.69 5.52
C LEU A 140 1.12 -5.82 6.96
N ARG A 141 0.83 -4.68 7.61
CA ARG A 141 0.29 -4.74 8.97
C ARG A 141 -1.17 -5.18 8.98
N THR A 142 -2.00 -4.58 8.13
CA THR A 142 -3.42 -4.89 8.12
C THR A 142 -3.98 -4.53 6.76
N TRP A 143 -5.15 -5.10 6.45
CA TRP A 143 -5.81 -4.76 5.20
C TRP A 143 -7.31 -5.02 5.35
N PHE A 144 -8.10 -4.35 4.51
CA PHE A 144 -9.51 -4.66 4.46
C PHE A 144 -10.00 -4.20 3.10
N ARG A 145 -11.20 -4.63 2.76
CA ARG A 145 -11.77 -4.28 1.47
C ARG A 145 -13.21 -3.83 1.65
N THR A 146 -13.60 -2.87 0.82
CA THR A 146 -14.95 -2.39 0.74
C THR A 146 -15.52 -2.81 -0.60
N ARG A 147 -16.71 -2.35 -0.91
CA ARG A 147 -17.26 -2.64 -2.22
C ARG A 147 -16.47 -1.93 -3.31
N SER A 148 -15.83 -0.81 -2.98
CA SER A 148 -15.22 0.02 -4.01
C SER A 148 -13.70 0.02 -3.97
N ALA A 149 -13.06 -0.63 -3.00
CA ALA A 149 -11.61 -0.49 -2.86
C ALA A 149 -11.03 -1.51 -1.89
N ILE A 150 -9.72 -1.74 -2.02
CA ILE A 150 -8.97 -2.52 -1.05
C ILE A 150 -7.98 -1.58 -0.37
N ILE A 151 -7.86 -1.69 0.94
CA ILE A 151 -7.04 -0.78 1.71
C ILE A 151 -5.90 -1.57 2.33
N LEU A 152 -4.68 -1.10 2.11
CA LEU A 152 -3.47 -1.82 2.50
C LEU A 152 -2.65 -0.93 3.43
N HIS A 153 -2.32 -1.44 4.62
CA HIS A 153 -1.59 -0.64 5.61
C HIS A 153 -0.24 -1.30 5.89
N LEU A 154 0.83 -0.65 5.45
CA LEU A 154 2.20 -1.18 5.58
C LEU A 154 2.85 -0.77 6.90
N SER A 155 3.82 -1.60 7.33
CA SER A 155 4.45 -1.40 8.64
C SER A 155 5.26 -0.10 8.75
N ASN A 156 5.61 0.52 7.61
CA ASN A 156 6.30 1.80 7.63
C ASN A 156 5.33 2.98 7.66
N GLY A 157 4.03 2.73 7.85
CA GLY A 157 3.07 3.81 7.94
C GLY A 157 2.38 4.20 6.64
N THR A 158 2.84 3.73 5.48
CA THR A 158 2.11 4.07 4.27
C THR A 158 0.81 3.29 4.18
N VAL A 159 -0.20 3.96 3.64
CA VAL A 159 -1.51 3.39 3.39
C VAL A 159 -1.72 3.50 1.89
N GLN A 160 -2.05 2.37 1.25
CA GLN A 160 -2.37 2.36 -0.16
C GLN A 160 -3.83 2.00 -0.34
N ILE A 161 -4.52 2.72 -1.22
CA ILE A 161 -5.92 2.44 -1.53
C ILE A 161 -6.04 2.24 -3.03
N ASN A 162 -6.50 1.05 -3.43
CA ASN A 162 -6.70 0.71 -4.83
C ASN A 162 -8.21 0.68 -5.09
N PHE A 163 -8.66 1.49 -6.04
CA PHE A 163 -10.09 1.63 -6.34
C PHE A 163 -10.46 0.69 -7.49
N PHE A 164 -11.46 -0.16 -7.25
CA PHE A 164 -11.74 -1.26 -8.16
C PHE A 164 -12.33 -0.77 -9.48
N GLN A 165 -13.23 0.22 -9.44
CA GLN A 165 -14.06 0.52 -10.60
C GLN A 165 -13.28 1.25 -11.70
N ASP A 166 -12.44 2.23 -11.34
CA ASP A 166 -11.66 2.93 -12.36
C ASP A 166 -10.16 2.63 -12.29
N HIS A 167 -9.74 1.71 -11.42
CA HIS A 167 -8.36 1.20 -11.35
C HIS A 167 -7.34 2.24 -10.89
N THR A 168 -7.81 3.35 -10.33
CA THR A 168 -6.92 4.37 -9.81
C THR A 168 -6.44 3.97 -8.42
N LYS A 169 -5.32 4.57 -7.99
CA LYS A 169 -4.70 4.16 -6.73
C LYS A 169 -4.14 5.38 -6.01
N LEU A 170 -4.19 5.33 -4.67
CA LEU A 170 -3.57 6.33 -3.80
C LEU A 170 -2.51 5.64 -2.95
N ILE A 171 -1.32 6.24 -2.91
CA ILE A 171 -0.26 5.78 -2.00
C ILE A 171 0.03 6.95 -1.07
N LEU A 172 -0.35 6.79 0.20
CA LEU A 172 -0.29 7.86 1.19
C LEU A 172 0.86 7.60 2.15
N CYS A 173 1.78 8.55 2.26
CA CYS A 173 2.97 8.40 3.09
C CYS A 173 3.02 9.52 4.11
N PRO A 174 2.67 9.24 5.37
CA PRO A 174 2.63 10.32 6.37
C PRO A 174 3.99 10.87 6.73
N LEU A 175 5.07 10.09 6.52
CA LEU A 175 6.40 10.59 6.87
C LEU A 175 6.82 11.71 5.94
N MET A 176 6.45 11.63 4.67
CA MET A 176 6.71 12.74 3.75
C MET A 176 5.52 13.69 3.66
N ALA A 177 4.41 13.38 4.32
CA ALA A 177 3.17 14.15 4.17
C ALA A 177 2.84 14.31 2.69
N ALA A 178 2.86 13.19 1.99
CA ALA A 178 2.75 13.18 0.53
C ALA A 178 1.73 12.14 0.13
N VAL A 179 1.22 12.27 -1.09
CA VAL A 179 0.33 11.27 -1.66
C VAL A 179 0.69 11.10 -3.12
N THR A 180 0.76 9.86 -3.55
CA THR A 180 0.96 9.54 -4.95
C THR A 180 -0.36 9.05 -5.54
N TYR A 181 -0.76 9.64 -6.67
CA TYR A 181 -1.97 9.26 -7.38
C TYR A 181 -1.59 8.57 -8.68
N ILE A 182 -2.11 7.37 -8.90
CA ILE A 182 -1.99 6.67 -10.19
C ILE A 182 -3.39 6.69 -10.81
N ASN A 183 -3.53 7.39 -11.91
CA ASN A 183 -4.78 7.51 -12.59
C ASN A 183 -5.09 6.41 -13.55
N GLU A 184 -6.22 6.51 -14.24
CA GLU A 184 -6.69 5.49 -15.17
C GLU A 184 -5.68 5.14 -16.22
N LYS A 185 -5.01 6.16 -16.71
CA LYS A 185 -4.00 6.02 -17.74
C LYS A 185 -2.65 5.59 -17.19
N ARG A 186 -2.54 5.34 -15.89
CA ARG A 186 -1.34 4.89 -15.19
C ARG A 186 -0.25 5.96 -15.15
N ASP A 187 -0.64 7.23 -15.28
CA ASP A 187 0.24 8.30 -14.84
C ASP A 187 0.47 8.18 -13.34
N PHE A 188 1.71 8.45 -12.91
CA PHE A 188 2.17 8.26 -11.54
C PHE A 188 2.64 9.63 -11.07
N GLN A 189 1.83 10.30 -10.25
CA GLN A 189 2.04 11.69 -9.85
C GLN A 189 2.08 11.81 -8.33
N THR A 190 3.17 12.40 -7.83
CA THR A 190 3.42 12.49 -6.39
C THR A 190 3.25 13.95 -5.95
N TYR A 191 2.32 14.16 -5.02
CA TYR A 191 1.98 15.48 -4.50
C TYR A 191 2.35 15.59 -3.02
N ARG A 192 2.78 16.80 -2.63
CA ARG A 192 2.83 17.16 -1.21
C ARG A 192 1.46 17.59 -0.75
N LEU A 193 0.97 16.99 0.33
CA LEU A 193 -0.39 17.27 0.79
C LEU A 193 -0.58 18.73 1.14
N SER A 194 0.43 19.36 1.75
CA SER A 194 0.32 20.79 2.06
C SER A 194 0.20 21.63 0.78
N LEU A 195 0.83 21.21 -0.32
CA LEU A 195 0.69 21.97 -1.55
C LEU A 195 -0.66 21.73 -2.22
N LEU A 196 -1.28 20.57 -2.00
CA LEU A 196 -2.64 20.41 -2.52
C LEU A 196 -3.59 21.36 -1.76
N GLU A 197 -3.35 21.51 -0.46
CA GLU A 197 -3.99 22.57 0.31
C GLU A 197 -3.79 23.95 -0.32
N GLU A 198 -2.56 24.24 -0.76
CA GLU A 198 -2.22 25.56 -1.32
C GLU A 198 -2.81 25.79 -2.71
N TYR A 199 -2.75 24.78 -3.58
CA TYR A 199 -2.97 24.98 -5.00
C TYR A 199 -4.24 24.34 -5.51
N GLY A 200 -4.82 23.42 -4.74
CA GLY A 200 -6.06 22.76 -5.12
C GLY A 200 -5.81 21.54 -5.96
N CYS A 201 -6.90 20.88 -6.34
CA CYS A 201 -6.78 19.73 -7.23
C CYS A 201 -8.13 19.48 -7.86
N CYS A 202 -8.15 18.59 -8.85
CA CYS A 202 -9.39 18.32 -9.55
C CYS A 202 -10.40 17.60 -8.65
N LYS A 203 -11.67 17.63 -9.08
CA LYS A 203 -12.76 17.03 -8.31
C LYS A 203 -12.52 15.54 -8.06
N GLU A 204 -12.01 14.84 -9.07
CA GLU A 204 -11.76 13.40 -8.95
C GLU A 204 -10.79 13.10 -7.82
N LEU A 205 -9.61 13.74 -7.83
CA LEU A 205 -8.65 13.47 -6.77
C LEU A 205 -9.18 13.93 -5.42
N ALA A 206 -9.86 15.08 -5.38
CA ALA A 206 -10.47 15.55 -4.12
C ALA A 206 -11.43 14.51 -3.57
N SER A 207 -12.16 13.81 -4.45
CA SER A 207 -13.11 12.79 -3.99
C SER A 207 -12.38 11.58 -3.43
N ARG A 208 -11.29 11.15 -4.07
CA ARG A 208 -10.52 10.03 -3.55
C ARG A 208 -9.91 10.35 -2.20
N LEU A 209 -9.47 11.59 -2.01
CA LEU A 209 -8.88 12.03 -0.75
C LEU A 209 -9.92 12.09 0.36
N ARG A 210 -11.17 12.40 0.03
CA ARG A 210 -12.23 12.33 1.02
C ARG A 210 -12.46 10.88 1.46
N TYR A 211 -12.55 9.97 0.49
CA TYR A 211 -12.63 8.55 0.79
C TYR A 211 -11.43 8.11 1.61
N ALA A 212 -10.24 8.59 1.23
CA ALA A 212 -9.01 8.20 1.94
C ALA A 212 -9.09 8.54 3.42
N ARG A 213 -9.60 9.73 3.76
CA ARG A 213 -9.70 10.10 5.17
C ARG A 213 -10.61 9.13 5.92
N THR A 214 -11.74 8.77 5.32
CA THR A 214 -12.66 7.84 5.97
C THR A 214 -12.02 6.47 6.14
N MET A 215 -11.19 6.03 5.17
CA MET A 215 -10.50 4.76 5.30
C MET A 215 -9.44 4.81 6.40
N VAL A 216 -8.73 5.92 6.53
CA VAL A 216 -7.73 6.03 7.59
C VAL A 216 -8.41 6.07 8.96
N ASP A 217 -9.55 6.75 9.04
CA ASP A 217 -10.37 6.72 10.26
C ASP A 217 -10.76 5.29 10.62
N LYS A 218 -11.18 4.50 9.62
CA LYS A 218 -11.49 3.09 9.85
C LYS A 218 -10.29 2.33 10.40
N LEU A 219 -9.10 2.55 9.81
CA LEU A 219 -7.91 1.88 10.34
C LEU A 219 -7.65 2.28 11.78
N LEU A 220 -7.87 3.54 12.12
CA LEU A 220 -7.56 4.00 13.46
C LEU A 220 -8.54 3.40 14.47
N SER A 221 -9.81 3.29 14.09
CA SER A 221 -10.83 2.73 14.96
C SER A 221 -10.77 1.21 15.05
N SER A 222 -9.86 0.55 14.31
CA SER A 222 -9.84 -0.90 14.14
C SER A 222 -8.66 -1.63 14.78
N ARG A 223 -7.57 -0.93 15.07
CA ARG A 223 -6.31 -1.56 15.51
C ARG A 223 -6.45 -2.65 16.58
N SER A 224 -5.48 -3.57 16.58
CA SER A 224 -5.37 -4.60 17.60
C SER A 224 -6.74 -5.05 18.08
C ACE B 1 -10.11 -9.75 -14.17
O ACE B 1 -8.93 -9.84 -14.35
CH3 ACE B 1 -11.10 -9.94 -15.33
C01 A1L2U B 2 -14.06 -6.94 -7.59
C03 A1L2U B 2 -12.63 -8.44 -6.64
C04 A1L2U B 2 -11.47 -9.36 -6.33
C56 A1L2U B 2 -14.83 -7.85 -6.83
C57 A1L2U B 2 -13.94 -8.87 -6.50
C58 A1L2U B 2 -11.73 -6.47 -8.17
C59 A1L2U B 2 -10.31 -6.87 -8.13
C60 A1L2U B 2 -10.14 -7.72 -9.45
C61 A1L2U B 2 -9.66 -6.90 -10.68
C62 A1L2U B 2 -9.04 -7.85 -11.79
C63 A1L2U B 2 -9.71 -9.26 -11.70
N02 A1L2U B 2 -12.81 -7.29 -7.52
N64 A1L2U B 2 -10.63 -9.46 -12.83
O55 A1L2U B 2 -11.02 -8.99 -5.27
O67 A1L2U B 2 -12.04 -5.52 -8.77
N LEU B 3 -10.92 -10.56 -6.90
CA LEU B 3 -9.90 -11.21 -6.07
C LEU B 3 -8.37 -11.00 -6.33
C 56A B 4 -6.38 -8.58 -8.32
N 56A B 4 -7.92 -10.06 -7.42
O 56A B 4 -7.28 -8.16 -8.95
CA 56A B 4 -6.49 -9.89 -7.60
CB 56A B 4 -5.81 -11.03 -8.39
CG 56A B 4 -6.57 -11.36 -9.74
C27 56A B 4 -7.60 -13.47 -8.94
C28 56A B 4 -6.43 -14.51 -9.01
C29 56A B 4 -6.63 -15.58 -7.92
C30 56A B 4 -5.41 -16.54 -7.91
C31 56A B 4 -5.52 -17.47 -6.68
C32 56A B 4 -4.35 -18.50 -6.69
C33 56A B 4 -3.06 -17.85 -6.10
C34 56A B 4 -1.93 -18.91 -6.13
C35 56A B 4 -2.12 -19.91 -4.94
C36 56A B 4 -1.88 -19.47 -3.64
C37 56A B 4 -2.05 -20.34 -2.58
C38 56A B 4 -2.44 -21.64 -2.81
C39 56A B 4 -2.68 -22.10 -4.11
C40 56A B 4 -2.52 -21.23 -5.18
ND1 56A B 4 -7.35 -12.44 -9.93
CD2 56A B 4 -6.58 -10.63 -10.90
CE1 56A B 4 -7.82 -12.41 -11.16
NE2 56A B 4 -7.37 -11.31 -11.76
N SER B 5 -5.13 -7.85 -8.19
CA SER B 5 -4.92 -6.56 -8.75
C SER B 5 -4.92 -6.30 -10.28
N YTH B 6 -4.50 -4.85 -10.49
CA YTH B 6 -4.33 -3.96 -11.64
CB YTH B 6 -5.47 -2.94 -11.49
CG2 YTH B 6 -5.36 -1.81 -12.53
OG1 YTH B 6 -5.47 -2.39 -10.20
P YTH B 6 -6.44 -2.96 -8.93
O1P YTH B 6 -7.60 -2.11 -8.69
O2P YTH B 6 -7.12 -4.22 -9.26
O3P YTH B 6 -5.55 -3.09 -7.56
C YTH B 6 -2.95 -3.29 -11.48
O YTH B 6 -2.46 -2.60 -12.32
N NH2 B 7 -2.19 -3.50 -10.26
#